data_2JDN
#
_entry.id   2JDN
#
_cell.length_a   52.490
_cell.length_b   72.947
_cell.length_c   54.653
_cell.angle_alpha   90.00
_cell.angle_beta   94.32
_cell.angle_gamma   90.00
#
_symmetry.space_group_name_H-M   'P 1 21 1'
#
loop_
_entity.id
_entity.type
_entity.pdbx_description
1 polymer 'FUCOSE-BINDING LECTIN PA-IIL'
2 non-polymer 'CALCIUM ION'
3 non-polymer 'SULFATE ION'
4 non-polymer alpha-L-fucopyranose
5 non-polymer 'methyl alpha-D-mannopyranoside'
6 water water
#
_entity_poly.entity_id   1
_entity_poly.type   'polypeptide(L)'
_entity_poly.pdbx_seq_one_letter_code
;MATQGVFTLPANTRFGVTAFANASGTQTVNVLVNNETAATFSGQSTNNAVIGTQVLNSGSSGKVQVQVSVNGRPSDLVSA
QVILTNELNFALVGSEDGTDNDYNDAVVVINWPLG
;
_entity_poly.pdbx_strand_id   A,B,C,D
#
loop_
_chem_comp.id
_chem_comp.type
_chem_comp.name
_chem_comp.formula
CA non-polymer 'CALCIUM ION' 'Ca 2'
FUC L-saccharide, alpha linking alpha-L-fucopyranose 'C6 H12 O5'
MMA D-saccharide 'methyl alpha-D-mannopyranoside' 'C7 H14 O6'
SO4 non-polymer 'SULFATE ION' 'O4 S -2'
#
# COMPACT_ATOMS: atom_id res chain seq x y z
N ALA A 2 5.97 -3.33 -16.66
CA ALA A 2 5.49 -4.51 -15.91
C ALA A 2 4.01 -4.68 -16.14
N THR A 3 3.56 -5.91 -16.07
CA THR A 3 2.14 -6.19 -16.09
C THR A 3 1.44 -5.50 -14.91
N GLN A 4 0.26 -4.97 -15.19
CA GLN A 4 -0.56 -4.29 -14.19
C GLN A 4 -1.99 -4.80 -14.31
N GLY A 5 -2.72 -4.71 -13.20
CA GLY A 5 -4.13 -5.10 -13.18
C GLY A 5 -4.38 -6.58 -13.06
N VAL A 6 -3.35 -7.35 -12.69
CA VAL A 6 -3.46 -8.80 -12.50
C VAL A 6 -3.21 -9.12 -11.03
N PHE A 7 -4.09 -9.89 -10.42
CA PHE A 7 -3.97 -10.19 -8.99
C PHE A 7 -4.25 -11.64 -8.72
N THR A 8 -3.52 -12.23 -7.78
CA THR A 8 -3.80 -13.59 -7.34
C THR A 8 -4.56 -13.50 -6.04
N LEU A 9 -5.81 -13.90 -6.07
CA LEU A 9 -6.63 -13.97 -4.89
C LEU A 9 -6.57 -15.39 -4.33
N PRO A 10 -6.98 -15.59 -3.07
CA PRO A 10 -7.12 -16.95 -2.58
C PRO A 10 -8.14 -17.63 -3.46
N ALA A 11 -7.95 -18.91 -3.70
CA ALA A 11 -8.84 -19.67 -4.58
C ALA A 11 -10.25 -19.71 -4.03
N ASN A 12 -11.25 -19.74 -4.91
CA ASN A 12 -12.63 -20.03 -4.54
C ASN A 12 -13.21 -19.06 -3.51
N THR A 13 -12.79 -17.79 -3.61
CA THR A 13 -13.13 -16.75 -2.62
C THR A 13 -13.97 -15.67 -3.28
N ARG A 14 -15.05 -15.27 -2.65
CA ARG A 14 -15.84 -14.15 -3.18
C ARG A 14 -15.12 -12.83 -2.97
N PHE A 15 -15.25 -11.96 -3.96
CA PHE A 15 -14.66 -10.65 -3.88
C PHE A 15 -15.59 -9.64 -4.49
N GLY A 16 -15.45 -8.38 -4.06
CA GLY A 16 -16.17 -7.28 -4.67
C GLY A 16 -15.34 -6.61 -5.72
N VAL A 17 -15.99 -6.16 -6.80
CA VAL A 17 -15.32 -5.32 -7.79
C VAL A 17 -16.23 -4.14 -8.13
N THR A 18 -15.66 -2.93 -8.07
CA THR A 18 -16.42 -1.70 -8.26
C THR A 18 -15.60 -0.75 -9.13
N ALA A 19 -16.25 -0.14 -10.12
CA ALA A 19 -15.54 0.79 -11.03
C ALA A 19 -16.17 2.17 -11.01
N PHE A 20 -15.31 3.18 -11.12
CA PHE A 20 -15.68 4.60 -11.12
C PHE A 20 -15.14 5.21 -12.42
N ALA A 21 -15.82 6.25 -12.94
CA ALA A 21 -15.35 6.94 -14.16
C ALA A 21 -15.06 8.41 -13.87
N ASN A 22 -13.98 8.89 -14.51
CA ASN A 22 -13.55 10.29 -14.41
C ASN A 22 -12.93 10.72 -15.73
N ALA A 23 -13.75 10.89 -16.76
CA ALA A 23 -13.23 11.13 -18.10
C ALA A 23 -14.35 11.53 -19.04
N SER A 24 -13.99 12.23 -20.12
CA SER A 24 -14.98 12.57 -21.16
C SER A 24 -15.56 11.33 -21.86
N GLY A 25 -14.72 10.30 -22.06
CA GLY A 25 -15.15 9.16 -22.86
C GLY A 25 -15.75 8.03 -22.06
N THR A 26 -16.62 7.26 -22.70
CA THR A 26 -17.16 6.07 -22.08
C THR A 26 -16.08 5.05 -21.77
N GLN A 27 -16.06 4.58 -20.53
CA GLN A 27 -15.13 3.57 -20.09
C GLN A 27 -15.79 2.20 -20.13
N THR A 28 -15.11 1.21 -20.68
CA THR A 28 -15.55 -0.18 -20.60
C THR A 28 -14.52 -0.96 -19.77
N VAL A 29 -14.99 -1.54 -18.67
CA VAL A 29 -14.14 -2.31 -17.76
C VAL A 29 -14.51 -3.77 -17.87
N ASN A 30 -13.51 -4.59 -18.19
CA ASN A 30 -13.71 -6.02 -18.20
C ASN A 30 -12.98 -6.67 -17.04
N VAL A 31 -13.68 -7.54 -16.31
CA VAL A 31 -13.07 -8.24 -15.17
C VAL A 31 -12.99 -9.69 -15.57
N LEU A 32 -11.78 -10.24 -15.60
N LEU A 32 -11.76 -10.22 -15.60
CA LEU A 32 -11.54 -11.62 -16.02
CA LEU A 32 -11.51 -11.61 -15.98
C LEU A 32 -11.18 -12.49 -14.84
C LEU A 32 -11.31 -12.44 -14.74
N VAL A 33 -11.83 -13.65 -14.77
CA VAL A 33 -11.53 -14.66 -13.76
C VAL A 33 -11.05 -15.88 -14.54
N ASN A 34 -9.87 -16.40 -14.21
CA ASN A 34 -9.27 -17.51 -14.97
C ASN A 34 -9.26 -17.23 -16.47
N ASN A 35 -8.88 -16.01 -16.83
CA ASN A 35 -8.69 -15.61 -18.22
C ASN A 35 -9.96 -15.66 -19.06
N GLU A 36 -11.12 -15.58 -18.42
CA GLU A 36 -12.40 -15.42 -19.15
C GLU A 36 -13.12 -14.21 -18.55
N THR A 37 -13.81 -13.46 -19.39
CA THR A 37 -14.56 -12.31 -18.91
C THR A 37 -15.67 -12.77 -18.00
N ALA A 38 -15.67 -12.28 -16.76
CA ALA A 38 -16.66 -12.66 -15.76
C ALA A 38 -17.66 -11.54 -15.50
N ALA A 39 -17.26 -10.28 -15.73
CA ALA A 39 -18.16 -9.11 -15.60
C ALA A 39 -17.67 -8.04 -16.54
N THR A 40 -18.60 -7.22 -17.00
CA THR A 40 -18.26 -6.04 -17.81
C THR A 40 -19.11 -4.89 -17.33
N PHE A 41 -18.46 -3.76 -17.10
CA PHE A 41 -19.14 -2.54 -16.72
C PHE A 41 -18.86 -1.48 -17.78
N SER A 42 -19.78 -0.58 -18.00
CA SER A 42 -19.49 0.57 -18.87
C SER A 42 -20.27 1.77 -18.42
N GLY A 43 -19.70 2.94 -18.66
CA GLY A 43 -20.40 4.17 -18.39
C GLY A 43 -19.52 5.36 -18.60
N GLN A 44 -20.09 6.54 -18.42
CA GLN A 44 -19.36 7.78 -18.61
C GLN A 44 -19.67 8.72 -17.47
N SER A 45 -18.64 9.33 -16.92
CA SER A 45 -18.80 10.33 -15.86
C SER A 45 -17.52 11.11 -15.75
N THR A 46 -17.61 12.41 -15.44
CA THR A 46 -16.46 13.18 -15.02
C THR A 46 -16.54 13.50 -13.52
N ASN A 47 -17.40 12.79 -12.80
CA ASN A 47 -17.65 13.04 -11.38
C ASN A 47 -17.63 11.78 -10.54
N ASN A 48 -16.82 10.80 -10.93
CA ASN A 48 -16.58 9.62 -10.10
C ASN A 48 -17.79 8.72 -9.95
N ALA A 49 -18.73 8.76 -10.90
CA ALA A 49 -19.89 7.89 -10.75
C ALA A 49 -19.45 6.45 -10.74
N VAL A 50 -20.14 5.62 -9.96
CA VAL A 50 -19.96 4.19 -10.02
C VAL A 50 -20.61 3.67 -11.29
N ILE A 51 -19.82 3.13 -12.18
CA ILE A 51 -20.32 2.58 -13.44
C ILE A 51 -20.59 1.10 -13.37
N GLY A 52 -20.19 0.44 -12.29
CA GLY A 52 -20.60 -0.93 -12.03
C GLY A 52 -20.09 -1.40 -10.70
N THR A 53 -20.77 -2.38 -10.13
CA THR A 53 -20.31 -3.05 -8.91
C THR A 53 -20.91 -4.44 -8.93
N GLN A 54 -20.14 -5.43 -8.50
CA GLN A 54 -20.61 -6.81 -8.54
C GLN A 54 -19.81 -7.64 -7.55
N VAL A 55 -20.37 -8.77 -7.14
CA VAL A 55 -19.63 -9.78 -6.38
C VAL A 55 -19.33 -10.95 -7.31
N LEU A 56 -18.09 -11.40 -7.33
CA LEU A 56 -17.67 -12.55 -8.14
C LEU A 56 -16.92 -13.54 -7.28
N ASN A 57 -16.66 -14.71 -7.82
CA ASN A 57 -15.87 -15.74 -7.15
C ASN A 57 -14.53 -15.85 -7.88
N SER A 58 -13.43 -15.91 -7.14
CA SER A 58 -12.11 -15.94 -7.74
C SER A 58 -11.80 -17.27 -8.46
N GLY A 59 -12.61 -18.29 -8.21
CA GLY A 59 -12.45 -19.60 -8.88
C GLY A 59 -11.22 -20.39 -8.48
N SER A 60 -10.99 -21.47 -9.22
CA SER A 60 -10.02 -22.46 -8.79
C SER A 60 -8.59 -21.95 -8.79
N SER A 61 -8.29 -21.01 -9.68
CA SER A 61 -6.93 -20.51 -9.82
C SER A 61 -6.71 -19.22 -9.04
N GLY A 62 -7.79 -18.55 -8.66
CA GLY A 62 -7.71 -17.23 -8.02
C GLY A 62 -7.22 -16.08 -8.89
N LYS A 63 -7.04 -16.31 -10.19
N LYS A 63 -6.99 -16.31 -10.18
N LYS A 63 -7.03 -16.33 -10.19
CA LYS A 63 -6.47 -15.26 -11.04
CA LYS A 63 -6.44 -15.24 -11.01
CA LYS A 63 -6.53 -15.31 -11.10
C LYS A 63 -7.52 -14.29 -11.55
C LYS A 63 -7.52 -14.29 -11.52
C LYS A 63 -7.64 -14.31 -11.41
N VAL A 64 -7.38 -13.03 -11.12
CA VAL A 64 -8.33 -11.96 -11.48
C VAL A 64 -7.57 -10.89 -12.25
N GLN A 65 -8.12 -10.46 -13.37
CA GLN A 65 -7.49 -9.40 -14.15
C GLN A 65 -8.51 -8.33 -14.51
N VAL A 66 -8.07 -7.08 -14.47
CA VAL A 66 -8.89 -5.94 -14.88
C VAL A 66 -8.31 -5.38 -16.18
N GLN A 67 -9.19 -5.14 -17.17
CA GLN A 67 -8.80 -4.44 -18.41
C GLN A 67 -9.77 -3.30 -18.63
N VAL A 68 -9.27 -2.19 -19.19
CA VAL A 68 -10.09 -1.03 -19.45
C VAL A 68 -9.88 -0.61 -20.91
N SER A 69 -10.99 -0.35 -21.61
N SER A 69 -10.98 -0.38 -21.63
CA SER A 69 -10.99 0.13 -22.99
CA SER A 69 -10.91 0.18 -22.99
C SER A 69 -11.79 1.44 -23.09
C SER A 69 -11.77 1.42 -23.10
N VAL A 70 -11.29 2.39 -23.87
CA VAL A 70 -11.97 3.67 -24.11
C VAL A 70 -11.74 4.06 -25.57
N ASN A 71 -12.80 4.45 -26.28
CA ASN A 71 -12.66 4.98 -27.65
C ASN A 71 -11.96 3.95 -28.55
N GLY A 72 -12.15 2.66 -28.24
CA GLY A 72 -11.64 1.55 -29.03
C GLY A 72 -10.23 1.08 -28.72
N ARG A 73 -9.61 1.61 -27.66
CA ARG A 73 -8.21 1.29 -27.34
C ARG A 73 -8.02 0.97 -25.87
N PRO A 74 -7.18 -0.01 -25.55
CA PRO A 74 -6.92 -0.29 -24.14
C PRO A 74 -6.22 0.87 -23.45
N SER A 75 -6.66 1.20 -22.24
CA SER A 75 -6.03 2.21 -21.42
C SER A 75 -4.78 1.66 -20.75
N ASP A 76 -3.84 2.54 -20.44
CA ASP A 76 -2.65 2.14 -19.69
C ASP A 76 -3.03 2.00 -18.22
N LEU A 77 -2.57 0.93 -17.60
CA LEU A 77 -3.00 0.63 -16.22
C LEU A 77 -1.90 0.82 -15.20
N VAL A 78 -2.31 1.23 -14.00
N VAL A 78 -2.31 1.17 -13.98
CA VAL A 78 -1.45 1.15 -12.81
CA VAL A 78 -1.41 1.16 -12.83
C VAL A 78 -2.20 0.36 -11.75
C VAL A 78 -2.16 0.45 -11.70
N SER A 79 -1.46 -0.36 -10.91
CA SER A 79 -2.13 -1.16 -9.89
C SER A 79 -1.23 -1.48 -8.72
N ALA A 80 -1.86 -1.93 -7.63
CA ALA A 80 -1.14 -2.49 -6.46
C ALA A 80 -2.14 -3.19 -5.60
N GLN A 81 -1.64 -4.05 -4.71
CA GLN A 81 -2.47 -4.67 -3.68
C GLN A 81 -1.98 -4.22 -2.34
N VAL A 82 -2.92 -3.92 -1.44
N VAL A 82 -2.90 -3.89 -1.44
CA VAL A 82 -2.62 -3.48 -0.09
CA VAL A 82 -2.50 -3.52 -0.07
C VAL A 82 -3.36 -4.42 0.87
C VAL A 82 -3.36 -4.30 0.91
N ILE A 83 -2.72 -4.79 1.96
CA ILE A 83 -3.35 -5.60 3.01
C ILE A 83 -3.22 -4.88 4.34
N LEU A 84 -4.37 -4.67 4.99
CA LEU A 84 -4.42 -4.03 6.30
C LEU A 84 -4.69 -5.05 7.38
N THR A 85 -3.97 -4.90 8.50
CA THR A 85 -4.03 -5.76 9.70
C THR A 85 -3.99 -7.23 9.34
N ASN A 86 -3.26 -7.57 8.26
CA ASN A 86 -3.11 -8.93 7.82
C ASN A 86 -4.40 -9.63 7.44
N GLU A 87 -5.47 -8.87 7.20
CA GLU A 87 -6.81 -9.46 7.03
C GLU A 87 -7.55 -8.87 5.83
N LEU A 88 -7.46 -7.57 5.64
CA LEU A 88 -8.35 -6.86 4.71
C LEU A 88 -7.55 -6.52 3.45
N ASN A 89 -8.01 -6.99 2.29
CA ASN A 89 -7.29 -6.86 1.02
C ASN A 89 -7.95 -5.92 0.07
N PHE A 90 -7.15 -5.03 -0.52
CA PHE A 90 -7.58 -4.17 -1.60
C PHE A 90 -6.68 -4.41 -2.80
N ALA A 91 -7.26 -4.62 -3.97
CA ALA A 91 -6.51 -4.64 -5.22
C ALA A 91 -7.03 -3.44 -5.99
N LEU A 92 -6.12 -2.53 -6.33
CA LEU A 92 -6.47 -1.20 -6.81
C LEU A 92 -5.95 -0.98 -8.20
N VAL A 93 -6.78 -0.39 -9.07
CA VAL A 93 -6.38 -0.14 -10.45
C VAL A 93 -6.75 1.28 -10.84
N GLY A 94 -5.80 1.99 -11.44
CA GLY A 94 -6.10 3.23 -12.14
C GLY A 94 -5.81 3.01 -13.62
N SER A 95 -6.32 3.92 -14.43
CA SER A 95 -6.15 3.76 -15.88
C SER A 95 -6.14 5.12 -16.54
N GLU A 96 -5.37 5.22 -17.63
CA GLU A 96 -5.22 6.45 -18.39
C GLU A 96 -5.60 6.21 -19.85
N ASP A 97 -6.59 6.98 -20.30
CA ASP A 97 -7.12 6.86 -21.66
C ASP A 97 -6.61 7.92 -22.60
N GLY A 98 -5.78 8.84 -22.12
CA GLY A 98 -5.44 10.04 -22.88
C GLY A 98 -4.02 10.49 -22.63
N THR A 99 -3.89 11.78 -22.38
CA THR A 99 -2.57 12.42 -22.39
C THR A 99 -2.25 13.12 -21.08
N ASP A 100 -3.22 13.32 -20.20
CA ASP A 100 -2.97 14.13 -19.00
C ASP A 100 -2.38 13.34 -17.82
N ASN A 101 -2.34 12.02 -17.94
CA ASN A 101 -1.73 11.16 -16.91
C ASN A 101 -2.29 11.36 -15.51
N ASP A 102 -3.61 11.59 -15.41
CA ASP A 102 -4.23 11.57 -14.09
C ASP A 102 -4.56 10.13 -13.64
N TYR A 103 -4.60 9.18 -14.56
CA TYR A 103 -4.80 7.77 -14.23
C TYR A 103 -6.09 7.46 -13.46
N ASN A 104 -7.10 8.33 -13.56
CA ASN A 104 -8.35 8.14 -12.84
C ASN A 104 -9.52 7.90 -13.78
N ASP A 105 -9.22 7.68 -15.05
CA ASP A 105 -10.27 7.73 -16.07
C ASP A 105 -11.28 6.61 -15.85
N ALA A 106 -10.77 5.41 -15.55
CA ALA A 106 -11.55 4.39 -14.84
C ALA A 106 -10.72 3.99 -13.65
N VAL A 107 -11.32 3.96 -12.47
CA VAL A 107 -10.69 3.51 -11.25
C VAL A 107 -11.45 2.25 -10.83
N VAL A 108 -10.70 1.19 -10.51
CA VAL A 108 -11.35 -0.07 -10.13
C VAL A 108 -10.81 -0.49 -8.76
N VAL A 109 -11.75 -0.85 -7.89
N VAL A 109 -11.72 -0.86 -7.87
CA VAL A 109 -11.47 -1.31 -6.52
CA VAL A 109 -11.34 -1.34 -6.56
C VAL A 109 -11.95 -2.77 -6.42
C VAL A 109 -11.94 -2.73 -6.39
N ILE A 110 -11.05 -3.67 -6.06
CA ILE A 110 -11.40 -5.04 -5.72
C ILE A 110 -11.13 -5.22 -4.24
N ASN A 111 -12.08 -5.80 -3.52
CA ASN A 111 -11.86 -6.02 -2.08
C ASN A 111 -12.31 -7.40 -1.65
N TRP A 112 -11.58 -7.97 -0.68
CA TRP A 112 -11.90 -9.28 -0.12
C TRP A 112 -11.23 -9.37 1.24
N PRO A 113 -11.69 -10.30 2.11
CA PRO A 113 -12.86 -11.15 1.95
C PRO A 113 -14.14 -10.37 2.20
N LEU A 114 -15.25 -11.00 1.82
CA LEU A 114 -16.58 -10.45 2.04
C LEU A 114 -17.23 -11.17 3.21
N GLY A 115 -18.44 -10.75 3.54
CA GLY A 115 -19.21 -11.43 4.57
C GLY A 115 -19.03 -10.97 6.01
N ALA B 2 -2.07 3.34 16.87
CA ALA B 2 -1.92 4.67 16.20
C ALA B 2 -3.28 5.13 15.70
N THR B 3 -3.46 6.43 15.54
CA THR B 3 -4.68 6.97 14.97
C THR B 3 -4.90 6.38 13.56
N GLN B 4 -6.17 6.09 13.28
CA GLN B 4 -6.55 5.50 12.00
C GLN B 4 -7.78 6.23 11.48
N GLY B 5 -7.94 6.25 10.16
CA GLY B 5 -9.14 6.81 9.56
C GLY B 5 -9.07 8.32 9.39
N VAL B 6 -7.88 8.91 9.55
CA VAL B 6 -7.67 10.35 9.39
C VAL B 6 -6.69 10.59 8.24
N PHE B 7 -7.06 11.45 7.30
CA PHE B 7 -6.26 11.70 6.11
C PHE B 7 -6.18 13.19 5.85
N THR B 8 -5.04 13.64 5.36
CA THR B 8 -4.94 15.05 4.93
C THR B 8 -4.90 15.07 3.44
N LEU B 9 -5.93 15.67 2.84
CA LEU B 9 -5.99 15.81 1.39
C LEU B 9 -5.52 17.20 0.99
N PRO B 10 -5.17 17.39 -0.30
CA PRO B 10 -4.92 18.75 -0.75
C PRO B 10 -6.17 19.58 -0.50
N ALA B 11 -5.98 20.84 -0.17
CA ALA B 11 -7.09 21.71 0.12
C ALA B 11 -7.97 21.97 -1.11
N ASN B 12 -9.25 22.19 -0.84
CA ASN B 12 -10.19 22.63 -1.89
C ASN B 12 -10.24 21.70 -3.10
N THR B 13 -10.23 20.39 -2.81
CA THR B 13 -10.13 19.39 -3.84
C THR B 13 -11.29 18.41 -3.70
N ARG B 14 -11.94 18.13 -4.83
CA ARG B 14 -13.00 17.12 -4.82
C ARG B 14 -12.42 15.72 -4.65
N PHE B 15 -13.13 14.90 -3.86
CA PHE B 15 -12.73 13.52 -3.70
C PHE B 15 -13.96 12.64 -3.64
N GLY B 16 -13.79 11.37 -3.99
CA GLY B 16 -14.88 10.41 -3.86
C GLY B 16 -14.75 9.66 -2.55
N VAL B 17 -15.87 9.33 -1.94
CA VAL B 17 -15.90 8.43 -0.80
C VAL B 17 -16.98 7.39 -0.99
N THR B 18 -16.63 6.12 -0.79
CA THR B 18 -17.53 5.01 -1.09
C THR B 18 -17.45 4.02 0.07
N ALA B 19 -18.59 3.56 0.57
CA ALA B 19 -18.66 2.61 1.70
C ALA B 19 -19.33 1.33 1.29
N PHE B 20 -18.78 0.23 1.78
CA PHE B 20 -19.23 -1.13 1.54
C PHE B 20 -19.55 -1.78 2.88
N ALA B 21 -20.55 -2.66 2.92
CA ALA B 21 -20.90 -3.37 4.19
C ALA B 21 -20.73 -4.87 4.03
N ASN B 22 -20.18 -5.51 5.07
CA ASN B 22 -20.01 -6.96 5.13
C ASN B 22 -20.15 -7.41 6.59
N ALA B 23 -21.38 -7.49 7.08
CA ALA B 23 -21.61 -7.67 8.52
C ALA B 23 -23.07 -7.94 8.77
N SER B 24 -23.36 -8.67 9.83
N SER B 24 -23.38 -8.66 9.83
N SER B 24 -23.36 -8.67 9.83
CA SER B 24 -24.75 -8.84 10.30
CA SER B 24 -24.78 -8.82 10.24
CA SER B 24 -24.73 -8.86 10.30
C SER B 24 -25.33 -7.54 10.87
C SER B 24 -25.34 -7.52 10.85
C SER B 24 -25.32 -7.55 10.86
N GLY B 25 -24.49 -6.75 11.54
CA GLY B 25 -24.92 -5.48 12.14
C GLY B 25 -25.07 -4.41 11.07
N THR B 26 -26.04 -3.52 11.26
CA THR B 26 -26.21 -2.36 10.39
C THR B 26 -25.06 -1.40 10.63
N GLN B 27 -24.37 -1.01 9.56
CA GLN B 27 -23.21 -0.14 9.66
C GLN B 27 -23.65 1.28 9.45
N THR B 28 -23.05 2.20 10.20
CA THR B 28 -23.22 3.64 10.00
C THR B 28 -21.86 4.24 9.72
N VAL B 29 -21.69 4.86 8.59
CA VAL B 29 -20.43 5.48 8.22
C VAL B 29 -20.64 6.97 8.17
N ASN B 30 -19.84 7.72 8.94
CA ASN B 30 -19.82 9.17 8.88
C ASN B 30 -18.48 9.67 8.36
N VAL B 31 -18.55 10.57 7.41
CA VAL B 31 -17.35 11.15 6.78
C VAL B 31 -17.33 12.61 7.19
N LEU B 32 -16.29 12.99 7.94
CA LEU B 32 -16.12 14.34 8.45
C LEU B 32 -15.12 15.11 7.61
N VAL B 33 -15.43 16.36 7.27
CA VAL B 33 -14.48 17.24 6.59
C VAL B 33 -14.30 18.42 7.53
N ASN B 34 -13.05 18.74 7.87
CA ASN B 34 -12.78 19.81 8.85
C ASN B 34 -13.60 19.63 10.13
N ASN B 35 -13.68 18.39 10.57
CA ASN B 35 -14.35 18.04 11.83
C ASN B 35 -15.88 18.19 11.85
N GLU B 36 -16.49 18.32 10.68
CA GLU B 36 -17.95 18.39 10.59
C GLU B 36 -18.43 17.30 9.63
N THR B 37 -19.50 16.61 9.99
CA THR B 37 -19.99 15.55 9.11
C THR B 37 -20.43 16.13 7.78
N ALA B 38 -19.95 15.53 6.69
CA ALA B 38 -20.24 15.96 5.34
C ALA B 38 -21.00 14.91 4.53
N ALA B 39 -20.92 13.64 4.94
CA ALA B 39 -21.73 12.57 4.34
C ALA B 39 -21.95 11.50 5.37
N THR B 40 -23.09 10.81 5.25
CA THR B 40 -23.41 9.70 6.12
C THR B 40 -24.12 8.59 5.34
N PHE B 41 -23.77 7.34 5.59
CA PHE B 41 -24.32 6.18 4.88
C PHE B 41 -24.66 5.13 5.91
N SER B 42 -25.77 4.44 5.76
CA SER B 42 -26.11 3.34 6.67
C SER B 42 -26.64 2.15 5.92
N GLY B 43 -26.40 0.94 6.41
CA GLY B 43 -27.05 -0.20 5.78
C GLY B 43 -26.51 -1.51 6.28
N GLN B 44 -27.18 -2.59 5.96
CA GLN B 44 -26.74 -3.91 6.30
C GLN B 44 -26.59 -4.73 5.05
N SER B 45 -25.45 -5.40 4.92
CA SER B 45 -25.19 -6.34 3.83
C SER B 45 -24.13 -7.30 4.31
N THR B 46 -24.19 -8.55 3.86
CA THR B 46 -23.03 -9.44 3.97
C THR B 46 -22.45 -9.76 2.59
N ASN B 47 -22.83 -8.96 1.58
N ASN B 47 -22.76 -8.91 1.63
CA ASN B 47 -22.42 -9.15 0.15
CA ASN B 47 -22.32 -9.19 0.30
C ASN B 47 -21.80 -7.90 -0.45
C ASN B 47 -21.91 -7.89 -0.39
N ASN B 48 -21.18 -7.06 0.37
CA ASN B 48 -20.42 -5.92 -0.17
C ASN B 48 -21.28 -4.86 -0.83
N ALA B 49 -22.52 -4.68 -0.38
CA ALA B 49 -23.35 -3.60 -0.90
C ALA B 49 -22.62 -2.27 -0.78
N VAL B 50 -22.80 -1.42 -1.77
CA VAL B 50 -22.31 -0.04 -1.71
C VAL B 50 -23.37 0.75 -0.95
N ILE B 51 -23.17 0.88 0.36
CA ILE B 51 -24.16 1.55 1.18
C ILE B 51 -24.14 3.05 0.96
N GLY B 52 -23.13 3.58 0.28
CA GLY B 52 -23.18 4.98 -0.15
C GLY B 52 -21.95 5.35 -0.92
N THR B 53 -22.08 6.29 -1.85
CA THR B 53 -20.93 6.84 -2.57
C THR B 53 -21.25 8.28 -2.91
N GLN B 54 -20.34 9.20 -2.65
CA GLN B 54 -20.58 10.63 -2.83
C GLN B 54 -19.30 11.35 -3.20
N VAL B 55 -19.44 12.50 -3.83
CA VAL B 55 -18.33 13.40 -4.09
C VAL B 55 -18.39 14.52 -3.08
N LEU B 56 -17.28 14.78 -2.40
CA LEU B 56 -17.16 15.84 -1.40
C LEU B 56 -16.00 16.73 -1.78
N ASN B 57 -15.94 17.90 -1.14
CA ASN B 57 -14.82 18.81 -1.30
C ASN B 57 -14.02 18.84 0.00
N SER B 58 -12.70 18.72 -0.10
CA SER B 58 -11.86 18.70 1.09
C SER B 58 -11.79 20.04 1.85
N GLY B 59 -12.26 21.14 1.24
CA GLY B 59 -12.32 22.45 1.90
C GLY B 59 -10.98 23.04 2.25
N SER B 60 -11.01 24.10 3.06
N SER B 60 -11.02 24.08 3.09
CA SER B 60 -9.79 24.86 3.38
CA SER B 60 -9.83 24.87 3.42
C SER B 60 -8.74 24.02 4.10
C SER B 60 -8.76 24.09 4.16
N SER B 61 -9.18 23.12 4.99
CA SER B 61 -8.29 22.37 5.87
C SER B 61 -7.70 21.10 5.23
N GLY B 62 -8.44 20.53 4.28
CA GLY B 62 -8.08 19.22 3.71
C GLY B 62 -8.22 18.04 4.68
N LYS B 63 -8.75 18.27 5.87
CA LYS B 63 -8.84 17.22 6.86
C LYS B 63 -10.06 16.35 6.66
N VAL B 64 -9.85 15.06 6.43
CA VAL B 64 -10.95 14.12 6.20
C VAL B 64 -10.82 13.00 7.22
N GLN B 65 -11.92 12.66 7.90
CA GLN B 65 -11.90 11.60 8.88
C GLN B 65 -13.11 10.69 8.63
N VAL B 66 -12.90 9.40 8.74
CA VAL B 66 -13.97 8.42 8.62
C VAL B 66 -14.23 7.82 9.99
N GLN B 67 -15.50 7.77 10.38
CA GLN B 67 -15.92 7.09 11.61
C GLN B 67 -16.94 6.02 11.26
N VAL B 68 -16.91 4.89 11.94
CA VAL B 68 -17.86 3.81 11.69
C VAL B 68 -18.44 3.39 13.03
N SER B 69 -19.76 3.18 13.09
CA SER B 69 -20.40 2.70 14.29
C SER B 69 -21.52 1.76 13.95
N VAL B 70 -21.94 0.97 14.93
CA VAL B 70 -23.11 0.13 14.78
C VAL B 70 -24.04 0.47 15.95
N ASN B 71 -25.21 1.04 15.63
CA ASN B 71 -26.20 1.47 16.63
C ASN B 71 -25.48 2.26 17.74
N GLY B 72 -24.59 3.16 17.32
CA GLY B 72 -23.90 4.08 18.22
C GLY B 72 -22.58 3.60 18.83
N ARG B 73 -22.27 2.32 18.66
N ARG B 73 -22.27 2.31 18.66
CA ARG B 73 -21.04 1.78 19.22
CA ARG B 73 -21.04 1.74 19.19
C ARG B 73 -19.92 1.88 18.19
C ARG B 73 -19.92 1.92 18.16
N PRO B 74 -18.85 2.65 18.50
CA PRO B 74 -17.75 2.83 17.53
C PRO B 74 -17.03 1.53 17.21
N SER B 75 -16.80 1.31 15.91
CA SER B 75 -15.97 0.21 15.43
C SER B 75 -14.48 0.56 15.51
N ASP B 76 -13.66 -0.47 15.64
CA ASP B 76 -12.21 -0.27 15.58
C ASP B 76 -11.79 -0.12 14.12
N LEU B 77 -10.93 0.86 13.83
CA LEU B 77 -10.54 1.16 12.45
C LEU B 77 -9.12 0.75 12.13
N VAL B 78 -8.89 0.44 10.85
N VAL B 78 -8.88 0.46 10.85
CA VAL B 78 -7.56 0.36 10.28
CA VAL B 78 -7.54 0.27 10.30
C VAL B 78 -7.56 1.21 9.04
C VAL B 78 -7.51 1.04 8.97
N SER B 79 -6.39 1.67 8.63
CA SER B 79 -6.34 2.52 7.45
C SER B 79 -4.93 2.65 6.91
N ALA B 80 -4.85 3.10 5.65
CA ALA B 80 -3.58 3.49 5.03
C ALA B 80 -3.89 4.28 3.78
N GLN B 81 -2.87 4.92 3.21
CA GLN B 81 -3.01 5.60 1.92
C GLN B 81 -1.99 5.06 0.96
N VAL B 82 -2.36 4.87 -0.30
N VAL B 82 -2.39 4.88 -0.29
CA VAL B 82 -1.41 4.44 -1.32
CA VAL B 82 -1.51 4.41 -1.36
C VAL B 82 -1.54 5.34 -2.55
C VAL B 82 -1.54 5.45 -2.49
N ILE B 83 -0.40 5.66 -3.14
CA ILE B 83 -0.28 6.57 -4.28
C ILE B 83 0.33 5.79 -5.42
N LEU B 84 -0.34 5.77 -6.56
CA LEU B 84 0.13 5.10 -7.78
C LEU B 84 0.59 6.13 -8.79
N THR B 85 1.71 5.79 -9.45
CA THR B 85 2.38 6.64 -10.45
C THR B 85 2.51 8.11 -10.01
N ASN B 86 2.69 8.30 -8.70
CA ASN B 86 2.92 9.63 -8.13
C ASN B 86 1.77 10.60 -8.34
N GLU B 87 0.58 10.07 -8.65
CA GLU B 87 -0.56 10.90 -9.10
C GLU B 87 -1.90 10.50 -8.52
N LEU B 88 -2.12 9.20 -8.35
CA LEU B 88 -3.45 8.65 -8.10
C LEU B 88 -3.51 8.18 -6.65
N ASN B 89 -4.42 8.76 -5.88
CA ASN B 89 -4.46 8.53 -4.45
C ASN B 89 -5.65 7.71 -3.99
N PHE B 90 -5.40 6.77 -3.10
CA PHE B 90 -6.43 5.99 -2.42
C PHE B 90 -6.23 6.06 -0.93
N ALA B 91 -7.23 6.49 -0.19
CA ALA B 91 -7.20 6.41 1.27
C ALA B 91 -8.18 5.29 1.65
N LEU B 92 -7.72 4.31 2.42
CA LEU B 92 -8.42 3.05 2.62
C LEU B 92 -8.72 2.86 4.09
N VAL B 93 -9.95 2.44 4.40
CA VAL B 93 -10.37 2.19 5.78
C VAL B 93 -11.07 0.85 5.88
N GLY B 94 -10.67 0.05 6.85
CA GLY B 94 -11.47 -1.10 7.29
C GLY B 94 -11.95 -0.88 8.70
N SER B 95 -12.92 -1.68 9.12
CA SER B 95 -13.47 -1.51 10.44
C SER B 95 -14.00 -2.83 10.96
N GLU B 96 -13.93 -2.99 12.28
CA GLU B 96 -14.32 -4.22 12.96
C GLU B 96 -15.32 -3.89 14.05
N ASP B 97 -16.51 -4.50 13.96
CA ASP B 97 -17.58 -4.28 14.94
C ASP B 97 -17.71 -5.40 15.94
N GLY B 98 -16.86 -6.41 15.89
CA GLY B 98 -17.07 -7.61 16.71
C GLY B 98 -15.74 -8.26 17.06
N THR B 99 -15.69 -9.58 16.95
CA THR B 99 -14.57 -10.35 17.49
C THR B 99 -13.81 -11.12 16.45
N ASP B 100 -14.33 -11.26 15.22
CA ASP B 100 -13.68 -12.14 14.24
C ASP B 100 -12.48 -11.49 13.53
N ASN B 101 -12.35 -10.17 13.64
CA ASN B 101 -11.22 -9.44 13.05
C ASN B 101 -11.09 -9.62 11.56
N ASP B 102 -12.21 -9.71 10.85
CA ASP B 102 -12.12 -9.61 9.40
C ASP B 102 -11.92 -8.17 8.92
N TYR B 103 -12.26 -7.18 9.77
CA TYR B 103 -12.06 -5.77 9.44
C TYR B 103 -12.73 -5.32 8.14
N ASN B 104 -13.77 -6.04 7.72
CA ASN B 104 -14.48 -5.68 6.51
C ASN B 104 -15.92 -5.24 6.79
N ASP B 105 -16.25 -4.97 8.06
CA ASP B 105 -17.66 -4.87 8.41
C ASP B 105 -18.25 -3.63 7.74
N ALA B 106 -17.50 -2.51 7.80
CA ALA B 106 -17.66 -1.42 6.83
C ALA B 106 -16.27 -1.16 6.27
N VAL B 107 -16.19 -1.07 4.94
CA VAL B 107 -14.96 -0.77 4.22
C VAL B 107 -15.19 0.57 3.52
N VAL B 108 -14.26 1.51 3.64
CA VAL B 108 -14.43 2.82 3.02
C VAL B 108 -13.24 3.11 2.12
N VAL B 109 -13.48 3.58 0.90
CA VAL B 109 -12.42 3.96 -0.01
C VAL B 109 -12.63 5.41 -0.39
N ILE B 110 -11.57 6.20 -0.26
CA ILE B 110 -11.56 7.61 -0.66
C ILE B 110 -10.58 7.71 -1.83
N ASN B 111 -10.98 8.37 -2.92
CA ASN B 111 -10.10 8.47 -4.10
C ASN B 111 -10.03 9.90 -4.60
N TRP B 112 -8.85 10.32 -5.02
CA TRP B 112 -8.66 11.64 -5.62
C TRP B 112 -7.39 11.59 -6.47
N PRO B 113 -7.26 12.50 -7.44
CA PRO B 113 -8.23 13.50 -7.89
C PRO B 113 -9.31 12.87 -8.73
N LEU B 114 -10.36 13.67 -8.92
CA LEU B 114 -11.49 13.32 -9.78
C LEU B 114 -11.40 14.11 -11.09
N GLY B 115 -12.34 13.84 -11.99
CA GLY B 115 -12.48 14.61 -13.23
C GLY B 115 -11.71 14.10 -14.40
N ALA C 2 2.93 3.45 -17.50
CA ALA C 2 2.99 4.66 -16.64
C ALA C 2 4.40 4.86 -16.13
N THR C 3 4.78 6.11 -15.91
CA THR C 3 6.05 6.41 -15.25
C THR C 3 6.09 5.72 -13.88
N GLN C 4 7.26 5.18 -13.57
CA GLN C 4 7.52 4.50 -12.29
C GLN C 4 8.84 4.99 -11.73
N GLY C 5 8.96 4.91 -10.41
CA GLY C 5 10.20 5.30 -9.74
C GLY C 5 10.40 6.79 -9.55
N VAL C 6 9.34 7.60 -9.74
CA VAL C 6 9.38 9.05 -9.54
C VAL C 6 8.44 9.41 -8.37
N PHE C 7 8.95 10.14 -7.39
CA PHE C 7 8.18 10.47 -6.21
C PHE C 7 8.33 11.93 -5.86
N THR C 8 7.24 12.55 -5.42
CA THR C 8 7.34 13.93 -4.90
C THR C 8 7.39 13.87 -3.38
N LEU C 9 8.54 14.20 -2.82
CA LEU C 9 8.69 14.22 -1.38
C LEU C 9 8.42 15.62 -0.86
N PRO C 10 8.22 15.74 0.46
CA PRO C 10 8.19 17.10 1.06
C PRO C 10 9.47 17.83 0.70
N ALA C 11 9.36 19.12 0.38
CA ALA C 11 10.54 19.91 0.03
C ALA C 11 11.53 19.99 1.21
N ASN C 12 12.81 20.04 0.86
CA ASN C 12 13.89 20.35 1.82
C ASN C 12 14.03 19.36 2.97
N THR C 13 13.58 18.11 2.76
CA THR C 13 13.41 17.15 3.84
C THR C 13 14.37 15.99 3.65
N ARG C 14 14.97 15.56 4.74
CA ARG C 14 15.82 14.37 4.69
C ARG C 14 15.01 13.09 4.51
N PHE C 15 15.55 12.16 3.71
CA PHE C 15 14.96 10.85 3.55
C PHE C 15 16.05 9.83 3.49
N GLY C 16 15.70 8.60 3.85
CA GLY C 16 16.58 7.45 3.66
C GLY C 16 16.32 6.79 2.33
N VAL C 17 17.37 6.31 1.68
CA VAL C 17 17.21 5.47 0.50
C VAL C 17 18.12 4.25 0.68
N THR C 18 17.56 3.05 0.46
CA THR C 18 18.24 1.80 0.71
C THR C 18 17.96 0.86 -0.43
N ALA C 19 19.01 0.17 -0.91
CA ALA C 19 18.85 -0.76 -2.02
C ALA C 19 19.29 -2.16 -1.62
N PHE C 20 18.55 -3.14 -2.15
CA PHE C 20 18.77 -4.57 -1.91
C PHE C 20 18.94 -5.27 -3.25
N ALA C 21 19.82 -6.28 -3.34
CA ALA C 21 20.03 -7.01 -4.60
C ALA C 21 19.58 -8.46 -4.45
N ASN C 22 18.92 -8.95 -5.51
CA ASN C 22 18.48 -10.34 -5.60
C ASN C 22 18.56 -10.81 -7.04
N ALA C 23 19.79 -11.04 -7.52
CA ALA C 23 20.00 -11.24 -8.97
C ALA C 23 21.39 -11.76 -9.21
N SER C 24 21.55 -12.54 -10.28
N SER C 24 21.56 -12.54 -10.27
CA SER C 24 22.87 -12.95 -10.72
CA SER C 24 22.90 -12.94 -10.67
C SER C 24 23.63 -11.79 -11.34
C SER C 24 23.64 -11.78 -11.34
N GLY C 25 22.90 -10.89 -12.00
CA GLY C 25 23.53 -9.73 -12.62
C GLY C 25 23.88 -8.66 -11.58
N THR C 26 24.98 -7.97 -11.81
CA THR C 26 25.37 -6.87 -10.92
C THR C 26 24.45 -5.68 -11.16
N GLN C 27 23.86 -5.18 -10.08
CA GLN C 27 22.87 -4.11 -10.15
C GLN C 27 23.53 -2.77 -9.92
N THR C 28 23.07 -1.74 -10.61
CA THR C 28 23.48 -0.36 -10.32
C THR C 28 22.22 0.47 -10.10
N VAL C 29 22.12 1.13 -8.96
CA VAL C 29 20.97 1.95 -8.60
C VAL C 29 21.42 3.40 -8.56
N ASN C 30 20.74 4.25 -9.31
CA ASN C 30 21.00 5.69 -9.30
C ASN C 30 19.81 6.41 -8.70
N VAL C 31 20.10 7.33 -7.78
CA VAL C 31 19.06 8.11 -7.12
C VAL C 31 19.28 9.56 -7.54
N LEU C 32 18.27 10.14 -8.19
CA LEU C 32 18.33 11.52 -8.68
C LEU C 32 17.50 12.42 -7.81
N VAL C 33 18.05 13.55 -7.40
CA VAL C 33 17.27 14.53 -6.67
C VAL C 33 17.25 15.77 -7.52
N ASN C 34 16.05 16.23 -7.87
CA ASN C 34 15.87 17.37 -8.79
C ASN C 34 16.69 17.15 -10.06
N ASN C 35 16.57 15.94 -10.60
CA ASN C 35 17.16 15.53 -11.88
C ASN C 35 18.69 15.46 -11.92
N GLU C 36 19.34 15.49 -10.76
CA GLU C 36 20.79 15.29 -10.70
C GLU C 36 21.15 14.08 -9.82
N THR C 37 22.11 13.28 -10.24
CA THR C 37 22.50 12.10 -9.46
C THR C 37 23.00 12.52 -8.10
N ALA C 38 22.38 11.97 -7.06
CA ALA C 38 22.73 12.27 -5.68
C ALA C 38 23.32 11.06 -4.95
N ALA C 39 23.06 9.86 -5.43
CA ALA C 39 23.64 8.64 -4.85
C ALA C 39 23.67 7.55 -5.90
N THR C 40 24.69 6.69 -5.82
CA THR C 40 24.78 5.49 -6.66
C THR C 40 25.19 4.31 -5.79
N PHE C 41 24.47 3.20 -5.92
CA PHE C 41 24.80 1.97 -5.21
C PHE C 41 24.97 0.86 -6.23
N SER C 42 25.82 -0.12 -5.92
CA SER C 42 25.97 -1.27 -6.81
C SER C 42 26.37 -2.48 -6.02
N GLY C 43 26.00 -3.65 -6.53
CA GLY C 43 26.47 -4.89 -5.93
C GLY C 43 25.84 -6.10 -6.60
N GLN C 44 26.15 -7.29 -6.10
CA GLN C 44 25.66 -8.52 -6.68
C GLN C 44 25.39 -9.52 -5.58
N SER C 45 24.13 -9.91 -5.42
CA SER C 45 23.74 -10.85 -4.39
C SER C 45 22.45 -11.49 -4.84
N THR C 46 22.29 -12.77 -4.53
CA THR C 46 20.98 -13.43 -4.66
C THR C 46 20.36 -13.67 -3.26
N ASN C 47 20.78 -12.88 -2.28
CA ASN C 47 20.32 -13.06 -0.91
C ASN C 47 20.09 -11.72 -0.22
N ASN C 48 19.60 -10.73 -0.97
CA ASN C 48 19.09 -9.50 -0.38
C ASN C 48 20.15 -8.60 0.24
N ALA C 49 21.40 -8.67 -0.24
CA ALA C 49 22.41 -7.77 0.32
C ALA C 49 21.96 -6.33 0.22
N VAL C 50 22.25 -5.57 1.28
CA VAL C 50 21.98 -4.14 1.34
C VAL C 50 23.17 -3.44 0.69
N ILE C 51 23.07 -3.28 -0.62
CA ILE C 51 24.19 -2.79 -1.41
C ILE C 51 24.46 -1.33 -1.17
N GLY C 52 23.48 -0.59 -0.64
CA GLY C 52 23.75 0.77 -0.23
C GLY C 52 22.61 1.29 0.63
N THR C 53 22.93 2.26 1.48
CA THR C 53 21.91 3.01 2.22
C THR C 53 22.50 4.40 2.47
N GLN C 54 21.68 5.43 2.36
CA GLN C 54 22.20 6.80 2.45
C GLN C 54 21.08 7.73 2.86
N VAL C 55 21.43 8.80 3.55
CA VAL C 55 20.48 9.88 3.89
C VAL C 55 20.72 11.01 2.91
N LEU C 56 19.66 11.45 2.24
CA LEU C 56 19.73 12.56 1.28
C LEU C 56 18.73 13.62 1.66
N ASN C 57 18.89 14.81 1.12
CA ASN C 57 17.88 15.86 1.25
C ASN C 57 17.11 15.99 -0.06
N SER C 58 15.79 16.08 0.03
CA SER C 58 14.93 16.16 -1.18
C SER C 58 15.01 17.47 -1.94
N GLY C 59 15.63 18.50 -1.33
CA GLY C 59 15.90 19.76 -2.04
C GLY C 59 14.66 20.60 -2.25
N SER C 60 14.81 21.71 -2.96
N SER C 60 14.82 21.70 -2.98
CA SER C 60 13.72 22.69 -3.04
CA SER C 60 13.77 22.69 -3.09
C SER C 60 12.45 22.17 -3.71
C SER C 60 12.48 22.19 -3.73
N SER C 61 12.60 21.27 -4.68
CA SER C 61 11.45 20.76 -5.43
C SER C 61 10.85 19.48 -4.86
N GLY C 62 11.63 18.78 -4.04
CA GLY C 62 11.23 17.47 -3.52
C GLY C 62 11.19 16.32 -4.52
N LYS C 63 11.63 16.51 -5.76
CA LYS C 63 11.55 15.46 -6.76
C LYS C 63 12.65 14.43 -6.58
N VAL C 64 12.27 13.17 -6.41
CA VAL C 64 13.24 12.09 -6.27
C VAL C 64 12.93 11.01 -7.29
N GLN C 65 13.93 10.56 -8.03
CA GLN C 65 13.74 9.52 -9.03
C GLN C 65 14.77 8.40 -8.83
N VAL C 66 14.32 7.15 -8.98
CA VAL C 66 15.19 6.00 -8.89
C VAL C 66 15.28 5.37 -10.27
N GLN C 67 16.51 5.05 -10.67
CA GLN C 67 16.75 4.29 -11.91
C GLN C 67 17.66 3.11 -11.61
N VAL C 68 17.48 2.00 -12.32
CA VAL C 68 18.26 0.80 -12.06
C VAL C 68 18.76 0.30 -13.41
N SER C 69 20.03 -0.10 -13.46
CA SER C 69 20.57 -0.71 -14.67
C SER C 69 21.46 -1.87 -14.34
N VAL C 70 21.60 -2.73 -15.32
CA VAL C 70 22.46 -3.91 -15.21
C VAL C 70 23.32 -3.92 -16.47
N ASN C 71 24.63 -3.82 -16.26
CA ASN C 71 25.62 -3.68 -17.34
C ASN C 71 25.19 -2.65 -18.40
N GLY C 72 24.69 -1.53 -17.92
CA GLY C 72 24.35 -0.41 -18.79
C GLY C 72 22.95 -0.46 -19.39
N ARG C 73 22.21 -1.55 -19.17
CA ARG C 73 20.85 -1.66 -19.71
C ARG C 73 19.84 -1.31 -18.62
N PRO C 74 18.93 -0.38 -18.90
CA PRO C 74 17.92 -0.01 -17.89
C PRO C 74 16.97 -1.17 -17.58
N SER C 75 16.72 -1.37 -16.29
CA SER C 75 15.74 -2.36 -15.85
C SER C 75 14.34 -1.77 -15.89
N ASP C 76 13.35 -2.63 -16.04
CA ASP C 76 11.95 -2.19 -15.97
C ASP C 76 11.58 -1.97 -14.50
N LEU C 77 10.86 -0.90 -14.20
CA LEU C 77 10.57 -0.52 -12.80
C LEU C 77 9.11 -0.66 -12.46
N VAL C 78 8.84 -1.02 -11.21
N VAL C 78 8.85 -0.95 -11.19
CA VAL C 78 7.51 -0.88 -10.63
CA VAL C 78 7.49 -0.90 -10.63
C VAL C 78 7.65 -0.08 -9.33
C VAL C 78 7.58 -0.19 -9.28
N SER C 79 6.61 0.65 -8.95
CA SER C 79 6.72 1.48 -7.76
C SER C 79 5.38 1.84 -7.18
N ALA C 80 5.38 2.30 -5.94
CA ALA C 80 4.19 2.89 -5.30
C ALA C 80 4.65 3.59 -4.06
N GLN C 81 3.80 4.45 -3.50
CA GLN C 81 4.07 5.07 -2.19
C GLN C 81 2.95 4.67 -1.24
N VAL C 82 3.34 4.36 0.00
N VAL C 82 3.30 4.37 0.01
CA VAL C 82 2.38 4.06 1.06
CA VAL C 82 2.28 4.06 1.02
C VAL C 82 2.58 5.03 2.21
C VAL C 82 2.56 4.88 2.28
N ILE C 83 1.47 5.39 2.86
CA ILE C 83 1.50 6.26 4.03
C ILE C 83 0.73 5.60 5.16
N LEU C 84 1.40 5.47 6.30
CA LEU C 84 0.80 4.87 7.50
C LEU C 84 0.53 5.95 8.52
N THR C 85 -0.62 5.82 9.18
CA THR C 85 -1.12 6.77 10.18
C THR C 85 -0.99 8.22 9.74
N ASN C 86 -1.17 8.45 8.43
CA ASN C 86 -1.15 9.81 7.87
C ASN C 86 0.17 10.53 8.09
N GLU C 87 1.24 9.81 8.42
CA GLU C 87 2.52 10.48 8.77
C GLU C 87 3.77 9.78 8.25
N LEU C 88 3.76 8.47 8.15
CA LEU C 88 4.99 7.70 7.94
C LEU C 88 4.97 7.24 6.50
N ASN C 89 5.99 7.61 5.75
CA ASN C 89 5.97 7.43 4.29
C ASN C 89 7.01 6.44 3.81
N PHE C 90 6.60 5.59 2.87
CA PHE C 90 7.51 4.70 2.17
C PHE C 90 7.30 4.82 0.68
N ALA C 91 8.37 5.06 -0.08
CA ALA C 91 8.32 4.99 -1.53
C ALA C 91 9.08 3.74 -1.92
N LEU C 92 8.47 2.89 -2.72
CA LEU C 92 8.89 1.50 -2.95
C LEU C 92 9.15 1.29 -4.42
N VAL C 93 10.28 0.64 -4.74
CA VAL C 93 10.64 0.36 -6.13
C VAL C 93 11.10 -1.09 -6.25
N GLY C 94 10.57 -1.79 -7.25
CA GLY C 94 11.11 -3.05 -7.69
C GLY C 94 11.63 -2.89 -9.12
N SER C 95 12.47 -3.84 -9.55
CA SER C 95 13.04 -3.74 -10.88
C SER C 95 13.32 -5.12 -11.40
N GLU C 96 13.21 -5.26 -12.74
CA GLU C 96 13.42 -6.52 -13.44
C GLU C 96 14.46 -6.35 -14.53
N ASP C 97 15.49 -7.18 -14.47
CA ASP C 97 16.60 -7.13 -15.42
C ASP C 97 16.54 -8.24 -16.46
N GLY C 98 15.53 -9.10 -16.41
CA GLY C 98 15.55 -10.32 -17.20
C GLY C 98 14.16 -10.79 -17.58
N THR C 99 13.92 -12.08 -17.40
CA THR C 99 12.74 -12.72 -17.97
C THR C 99 11.83 -13.37 -16.97
N ASP C 100 12.25 -13.50 -15.72
CA ASP C 100 11.45 -14.26 -14.77
C ASP C 100 10.38 -13.42 -14.07
N ASN C 101 10.42 -12.11 -14.25
CA ASN C 101 9.43 -11.20 -13.67
C ASN C 101 9.26 -11.32 -12.17
N ASP C 102 10.34 -11.58 -11.44
CA ASP C 102 10.25 -11.50 -9.98
C ASP C 102 10.34 -10.03 -9.50
N TYR C 103 10.84 -9.11 -10.34
CA TYR C 103 10.90 -7.69 -9.96
C TYR C 103 11.62 -7.38 -8.65
N ASN C 104 12.53 -8.28 -8.25
CA ASN C 104 13.28 -8.06 -7.01
C ASN C 104 14.77 -7.87 -7.27
N ASP C 105 15.14 -7.66 -8.53
CA ASP C 105 16.56 -7.80 -8.88
C ASP C 105 17.38 -6.70 -8.19
N ALA C 106 16.85 -5.48 -8.24
CA ALA C 106 17.18 -4.44 -7.27
C ALA C 106 15.88 -3.95 -6.68
N VAL C 107 15.81 -3.89 -5.36
CA VAL C 107 14.64 -3.38 -4.62
C VAL C 107 15.10 -2.12 -3.90
N VAL C 108 14.34 -1.03 -4.00
CA VAL C 108 14.75 0.22 -3.37
C VAL C 108 13.61 0.70 -2.49
N VAL C 109 13.96 1.07 -1.26
CA VAL C 109 13.00 1.62 -0.31
C VAL C 109 13.46 3.01 0.10
N ILE C 110 12.58 4.00 -0.03
CA ILE C 110 12.81 5.35 0.40
C ILE C 110 11.88 5.59 1.59
N ASN C 111 12.39 6.13 2.69
CA ASN C 111 11.55 6.34 3.87
C ASN C 111 11.74 7.75 4.41
N TRP C 112 10.65 8.35 4.87
CA TRP C 112 10.67 9.66 5.52
C TRP C 112 9.42 9.79 6.37
N PRO C 113 9.42 10.71 7.35
CA PRO C 113 10.54 11.54 7.79
C PRO C 113 11.53 10.74 8.63
N LEU C 114 12.70 11.34 8.82
CA LEU C 114 13.76 10.82 9.66
C LEU C 114 13.83 11.56 10.99
N GLY C 115 14.71 11.10 11.86
CA GLY C 115 14.99 11.84 13.10
C GLY C 115 14.18 11.42 14.29
N ALA D 2 -6.45 -2.23 16.30
CA ALA D 2 -6.18 -3.39 15.40
C ALA D 2 -4.77 -3.88 15.60
N THR D 3 -4.59 -5.17 15.56
CA THR D 3 -3.27 -5.76 15.63
C THR D 3 -2.41 -5.25 14.46
N GLN D 4 -1.15 -5.00 14.75
CA GLN D 4 -0.19 -4.50 13.77
C GLN D 4 1.11 -5.27 13.92
N GLY D 5 1.88 -5.30 12.83
CA GLY D 5 3.18 -5.98 12.85
C GLY D 5 3.13 -7.48 12.70
N VAL D 6 1.99 -8.03 12.29
CA VAL D 6 1.83 -9.47 12.07
C VAL D 6 1.52 -9.70 10.59
N PHE D 7 2.25 -10.60 9.95
CA PHE D 7 2.10 -10.86 8.54
C PHE D 7 2.12 -12.34 8.23
N THR D 8 1.30 -12.75 7.27
CA THR D 8 1.31 -14.14 6.76
C THR D 8 2.07 -14.18 5.47
N LEU D 9 3.23 -14.85 5.49
CA LEU D 9 4.04 -15.03 4.30
C LEU D 9 3.73 -16.41 3.72
N PRO D 10 4.08 -16.65 2.46
CA PRO D 10 3.99 -18.01 1.94
C PRO D 10 4.86 -18.91 2.82
N ALA D 11 4.44 -20.16 3.01
CA ALA D 11 5.18 -21.07 3.87
C ALA D 11 6.56 -21.35 3.32
N ASN D 12 7.50 -21.58 4.24
CA ASN D 12 8.84 -22.07 3.87
C ASN D 12 9.55 -21.21 2.84
N THR D 13 9.44 -19.90 3.02
CA THR D 13 9.97 -18.94 2.05
C THR D 13 10.97 -18.02 2.75
N ARG D 14 12.12 -17.81 2.12
N ARG D 14 12.11 -17.81 2.09
CA ARG D 14 13.08 -16.87 2.67
CA ARG D 14 13.09 -16.83 2.53
C ARG D 14 12.67 -15.43 2.42
C ARG D 14 12.53 -15.41 2.44
N PHE D 15 12.86 -14.60 3.43
CA PHE D 15 12.52 -13.19 3.37
C PHE D 15 13.60 -12.38 4.03
N GLY D 16 13.73 -11.12 3.59
CA GLY D 16 14.66 -10.19 4.21
C GLY D 16 13.94 -9.39 5.27
N VAL D 17 14.65 -9.06 6.35
CA VAL D 17 14.17 -8.13 7.35
C VAL D 17 15.28 -7.14 7.69
N THR D 18 14.97 -5.85 7.66
CA THR D 18 15.96 -4.78 7.86
C THR D 18 15.34 -3.74 8.75
N ALA D 19 16.08 -3.28 9.76
CA ALA D 19 15.56 -2.28 10.70
C ALA D 19 16.43 -1.02 10.70
N PHE D 20 15.76 0.12 10.83
CA PHE D 20 16.38 1.46 10.84
C PHE D 20 15.95 2.14 12.13
N ALA D 21 16.80 3.03 12.68
CA ALA D 21 16.46 3.78 13.88
C ALA D 21 16.42 5.27 13.62
N ASN D 22 15.44 5.93 14.24
CA ASN D 22 15.28 7.39 14.17
C ASN D 22 14.74 7.89 15.49
N ALA D 23 15.59 7.92 16.52
CA ALA D 23 15.09 8.12 17.88
C ALA D 23 16.25 8.33 18.84
N SER D 24 16.02 9.11 19.89
N SER D 24 16.04 9.11 19.89
CA SER D 24 16.98 9.23 20.97
CA SER D 24 17.06 9.20 20.94
C SER D 24 17.11 7.92 21.75
C SER D 24 17.12 7.89 21.75
N GLY D 25 15.99 7.21 21.92
CA GLY D 25 15.98 5.97 22.68
C GLY D 25 16.61 4.82 21.89
N THR D 26 17.25 3.89 22.59
CA THR D 26 17.80 2.67 21.96
C THR D 26 16.66 1.74 21.59
N GLN D 27 16.62 1.35 20.34
CA GLN D 27 15.52 0.52 19.84
C GLN D 27 15.89 -0.96 19.88
N THR D 28 14.96 -1.80 20.32
CA THR D 28 15.14 -3.24 20.24
C THR D 28 14.04 -3.81 19.38
N VAL D 29 14.44 -4.47 18.30
CA VAL D 29 13.50 -5.06 17.34
C VAL D 29 13.61 -6.56 17.41
N ASN D 30 12.48 -7.21 17.70
N ASN D 30 12.48 -7.23 17.70
CA ASN D 30 12.40 -8.66 17.70
CA ASN D 30 12.41 -8.68 17.72
C ASN D 30 11.59 -9.11 16.51
C ASN D 30 11.53 -9.19 16.59
N VAL D 31 12.06 -10.15 15.85
CA VAL D 31 11.33 -10.75 14.72
C VAL D 31 11.04 -12.19 15.12
N LEU D 32 9.77 -12.55 15.15
N LEU D 32 9.75 -12.51 15.17
CA LEU D 32 9.32 -13.88 15.57
CA LEU D 32 9.26 -13.85 15.52
C LEU D 32 8.72 -14.63 14.40
C LEU D 32 8.83 -14.59 14.27
N VAL D 33 9.17 -15.86 14.19
CA VAL D 33 8.66 -16.73 13.16
C VAL D 33 7.96 -17.89 13.86
N ASN D 34 6.68 -18.12 13.54
CA ASN D 34 5.84 -19.11 14.24
C ASN D 34 5.91 -18.94 15.77
N ASN D 35 5.85 -17.68 16.20
CA ASN D 35 5.78 -17.29 17.61
C ASN D 35 7.06 -17.48 18.42
N GLU D 36 8.17 -17.76 17.74
CA GLU D 36 9.47 -17.91 18.38
C GLU D 36 10.47 -16.88 17.85
N THR D 37 11.28 -16.32 18.73
CA THR D 37 12.25 -15.30 18.30
C THR D 37 13.26 -15.85 17.32
N ALA D 38 13.37 -15.20 16.16
CA ALA D 38 14.26 -15.67 15.09
C ALA D 38 15.38 -14.67 14.82
N ALA D 39 15.19 -13.40 15.17
CA ALA D 39 16.22 -12.38 15.03
C ALA D 39 15.95 -11.27 16.03
N THR D 40 17.02 -10.61 16.49
CA THR D 40 16.89 -9.47 17.38
C THR D 40 17.93 -8.46 16.94
N PHE D 41 17.51 -7.22 16.74
CA PHE D 41 18.41 -6.12 16.39
C PHE D 41 18.27 -5.04 17.45
N SER D 42 19.37 -4.44 17.84
N SER D 42 19.38 -4.44 17.82
N SER D 42 19.37 -4.40 17.82
CA SER D 42 19.29 -3.26 18.70
CA SER D 42 19.39 -3.32 18.75
CA SER D 42 19.30 -3.30 18.77
C SER D 42 20.29 -2.22 18.26
C SER D 42 20.30 -2.21 18.22
C SER D 42 20.36 -2.23 18.47
N GLY D 43 19.93 -0.97 18.49
CA GLY D 43 20.82 0.13 18.18
C GLY D 43 20.15 1.46 18.39
N GLN D 44 20.93 2.52 18.25
CA GLN D 44 20.47 3.87 18.46
C GLN D 44 20.98 4.77 17.34
N SER D 45 20.07 5.51 16.71
CA SER D 45 20.45 6.50 15.71
C SER D 45 19.31 7.48 15.59
N THR D 46 19.62 8.74 15.31
CA THR D 46 18.61 9.72 14.87
C THR D 46 18.76 10.03 13.38
N ASN D 47 19.52 9.18 12.68
CA ASN D 47 19.84 9.41 11.29
C ASN D 47 19.55 8.21 10.39
N ASN D 48 18.56 7.40 10.78
CA ASN D 48 18.12 6.29 9.93
C ASN D 48 19.16 5.19 9.75
N ALA D 49 20.07 5.03 10.71
CA ALA D 49 21.07 3.97 10.57
C ALA D 49 20.39 2.61 10.51
N VAL D 50 20.94 1.72 9.69
CA VAL D 50 20.55 0.32 9.72
C VAL D 50 21.07 -0.26 11.03
N ILE D 51 20.17 -0.77 11.85
CA ILE D 51 20.57 -1.40 13.10
C ILE D 51 20.56 -2.92 12.99
N GLY D 52 20.10 -3.46 11.86
CA GLY D 52 20.26 -4.89 11.60
C GLY D 52 19.63 -5.24 10.27
N THR D 53 20.15 -6.29 9.66
CA THR D 53 19.54 -6.90 8.49
C THR D 53 19.82 -8.39 8.52
N GLN D 54 18.88 -9.19 8.03
CA GLN D 54 19.00 -10.64 8.09
C GLN D 54 18.08 -11.28 7.09
N VAL D 55 18.35 -12.52 6.75
CA VAL D 55 17.44 -13.32 5.93
C VAL D 55 16.94 -14.47 6.78
N LEU D 56 15.63 -14.63 6.84
CA LEU D 56 15.00 -15.67 7.66
C LEU D 56 14.11 -16.51 6.77
N ASN D 57 13.67 -17.66 7.29
CA ASN D 57 12.74 -18.51 6.57
C ASN D 57 11.42 -18.46 7.30
N SER D 58 10.34 -18.29 6.55
CA SER D 58 9.02 -18.15 7.17
C SER D 58 8.45 -19.44 7.79
N GLY D 59 9.08 -20.59 7.51
CA GLY D 59 8.71 -21.86 8.15
C GLY D 59 7.32 -22.38 7.75
N SER D 60 6.85 -23.39 8.48
CA SER D 60 5.64 -24.11 8.06
C SER D 60 4.39 -23.24 8.09
N SER D 61 4.35 -22.32 9.04
CA SER D 61 3.14 -21.53 9.27
C SER D 61 3.09 -20.24 8.45
N GLY D 62 4.27 -19.75 8.03
CA GLY D 62 4.36 -18.46 7.35
C GLY D 62 4.14 -17.27 8.26
N LYS D 63 3.93 -17.46 9.55
CA LYS D 63 3.59 -16.34 10.46
C LYS D 63 4.84 -15.59 10.89
N VAL D 64 4.87 -14.29 10.61
CA VAL D 64 5.99 -13.42 10.98
C VAL D 64 5.45 -12.27 11.81
N GLN D 65 6.07 -11.99 12.96
CA GLN D 65 5.66 -10.88 13.77
C GLN D 65 6.85 -10.02 14.13
N VAL D 66 6.67 -8.69 14.08
CA VAL D 66 7.68 -7.74 14.48
C VAL D 66 7.21 -7.09 15.77
N GLN D 67 8.10 -7.03 16.76
CA GLN D 67 7.84 -6.30 18.00
C GLN D 67 8.97 -5.31 18.21
N VAL D 68 8.65 -4.16 18.77
CA VAL D 68 9.67 -3.16 19.04
C VAL D 68 9.51 -2.67 20.47
N SER D 69 10.62 -2.53 21.17
N SER D 69 10.63 -2.53 21.16
CA SER D 69 10.57 -1.98 22.52
CA SER D 69 10.62 -1.99 22.52
C SER D 69 11.76 -1.06 22.76
C SER D 69 11.77 -1.05 22.74
N VAL D 70 11.62 -0.17 23.72
CA VAL D 70 12.68 0.77 24.10
C VAL D 70 12.82 0.66 25.60
N ASN D 71 13.99 0.19 26.05
CA ASN D 71 14.24 -0.10 27.47
C ASN D 71 13.10 -0.89 28.10
N GLY D 72 12.59 -1.89 27.36
CA GLY D 72 11.54 -2.80 27.82
C GLY D 72 10.10 -2.38 27.59
N ARG D 73 9.91 -1.10 27.27
CA ARG D 73 8.58 -0.54 27.05
C ARG D 73 8.15 -0.85 25.61
N PRO D 74 7.06 -1.59 25.40
CA PRO D 74 6.65 -1.89 24.00
C PRO D 74 6.22 -0.64 23.27
N SER D 75 6.73 -0.46 22.04
CA SER D 75 6.33 0.65 21.20
C SER D 75 5.01 0.35 20.52
N ASP D 76 4.26 1.42 20.24
CA ASP D 76 3.04 1.28 19.45
C ASP D 76 3.42 1.09 17.99
N LEU D 77 2.76 0.18 17.29
CA LEU D 77 3.14 -0.15 15.91
C LEU D 77 2.13 0.29 14.89
N VAL D 78 2.60 0.61 13.69
N VAL D 78 2.60 0.53 13.68
CA VAL D 78 1.75 0.72 12.49
CA VAL D 78 1.73 0.71 12.53
C VAL D 78 2.34 -0.21 11.44
C VAL D 78 2.32 -0.10 11.38
N SER D 79 1.49 -0.75 10.58
CA SER D 79 2.00 -1.66 9.56
C SER D 79 1.06 -1.83 8.40
N ALA D 80 1.59 -2.33 7.30
CA ALA D 80 0.76 -2.76 6.15
C ALA D 80 1.61 -3.61 5.26
N GLN D 81 0.97 -4.36 4.35
CA GLN D 81 1.68 -5.09 3.31
C GLN D 81 1.27 -4.53 1.95
N VAL D 82 2.25 -4.37 1.06
N VAL D 82 2.22 -4.39 1.04
CA VAL D 82 2.04 -3.88 -0.30
CA VAL D 82 1.92 -3.95 -0.30
C VAL D 82 2.60 -4.94 -1.25
C VAL D 82 2.61 -4.86 -1.30
N ILE D 83 1.90 -5.18 -2.36
CA ILE D 83 2.38 -6.09 -3.40
C ILE D 83 2.37 -5.35 -4.73
N LEU D 84 3.54 -5.32 -5.38
CA LEU D 84 3.67 -4.69 -6.70
C LEU D 84 3.75 -5.74 -7.77
N THR D 85 3.12 -5.45 -8.90
CA THR D 85 3.01 -6.32 -10.06
C THR D 85 2.71 -7.78 -9.72
N ASN D 86 1.91 -7.96 -8.68
CA ASN D 86 1.46 -9.27 -8.24
C ASN D 86 2.61 -10.21 -7.87
N GLU D 87 3.80 -9.67 -7.60
CA GLU D 87 5.01 -10.49 -7.41
C GLU D 87 5.85 -10.05 -6.22
N LEU D 88 5.98 -8.75 -6.05
CA LEU D 88 7.00 -8.22 -5.14
C LEU D 88 6.32 -7.72 -3.88
N ASN D 89 6.70 -8.28 -2.74
CA ASN D 89 6.00 -8.05 -1.47
C ASN D 89 6.84 -7.25 -0.50
N PHE D 90 6.20 -6.27 0.14
CA PHE D 90 6.78 -5.48 1.23
C PHE D 90 5.85 -5.59 2.43
N ALA D 91 6.39 -5.92 3.58
CA ALA D 91 5.66 -5.82 4.84
C ALA D 91 6.39 -4.75 5.64
N LEU D 92 5.68 -3.68 5.98
CA LEU D 92 6.27 -2.45 6.48
C LEU D 92 5.78 -2.18 7.88
N VAL D 93 6.69 -1.76 8.77
CA VAL D 93 6.35 -1.47 10.15
C VAL D 93 7.00 -0.15 10.57
N GLY D 94 6.20 0.71 11.19
CA GLY D 94 6.73 1.85 11.93
C GLY D 94 6.40 1.68 13.39
N SER D 95 7.04 2.47 14.23
CA SER D 95 6.81 2.33 15.68
C SER D 95 7.05 3.65 16.35
N GLU D 96 6.33 3.84 17.46
CA GLU D 96 6.39 5.08 18.24
C GLU D 96 6.70 4.77 19.68
N ASP D 97 7.77 5.39 20.16
CA ASP D 97 8.27 5.19 21.52
C ASP D 97 7.96 6.35 22.46
N GLY D 98 7.26 7.37 21.97
CA GLY D 98 7.14 8.61 22.75
C GLY D 98 5.84 9.33 22.43
N THR D 99 5.92 10.63 22.18
CA THR D 99 4.73 11.51 22.10
C THR D 99 4.59 12.24 20.79
N ASP D 100 5.63 12.27 19.98
CA ASP D 100 5.56 13.06 18.76
C ASP D 100 4.81 12.40 17.62
N ASN D 101 4.56 11.09 17.74
CA ASN D 101 3.83 10.35 16.71
C ASN D 101 4.43 10.45 15.31
N ASP D 102 5.76 10.54 15.23
CA ASP D 102 6.39 10.36 13.92
C ASP D 102 6.42 8.89 13.45
N TYR D 103 6.26 7.95 14.38
CA TYR D 103 6.20 6.51 14.04
C TYR D 103 7.41 6.00 13.25
N ASN D 104 8.56 6.66 13.38
CA ASN D 104 9.76 6.23 12.67
C ASN D 104 10.85 5.75 13.62
N ASP D 105 10.51 5.57 14.90
CA ASP D 105 11.56 5.43 15.91
C ASP D 105 12.38 4.18 15.67
N ALA D 106 11.69 3.10 15.34
CA ALA D 106 12.28 1.97 14.59
C ALA D 106 11.37 1.73 13.40
N VAL D 107 11.97 1.61 12.22
CA VAL D 107 11.26 1.28 10.98
C VAL D 107 11.77 -0.06 10.53
N VAL D 108 10.85 -0.97 10.22
CA VAL D 108 11.25 -2.30 9.79
C VAL D 108 10.66 -2.59 8.43
N VAL D 109 11.50 -3.07 7.54
CA VAL D 109 11.11 -3.48 6.20
C VAL D 109 11.33 -4.96 6.02
N ILE D 110 10.28 -5.69 5.63
CA ILE D 110 10.37 -7.10 5.29
C ILE D 110 10.08 -7.19 3.80
N ASN D 111 10.89 -7.95 3.05
CA ASN D 111 10.65 -8.09 1.63
C ASN D 111 10.81 -9.52 1.18
N TRP D 112 10.00 -9.94 0.22
CA TRP D 112 10.11 -11.26 -0.37
C TRP D 112 9.43 -11.22 -1.73
N PRO D 113 9.70 -12.20 -2.60
CA PRO D 113 10.69 -13.25 -2.48
C PRO D 113 12.08 -12.69 -2.74
N LEU D 114 13.05 -13.53 -2.40
CA LEU D 114 14.47 -13.24 -2.60
C LEU D 114 14.95 -14.03 -3.77
N GLY D 115 16.22 -13.84 -4.12
CA GLY D 115 16.84 -14.68 -5.13
C GLY D 115 16.80 -14.14 -6.55
CA CA E . -9.56 11.86 -15.82
CA CA F . -6.69 10.91 -18.06
S SO4 G . -16.31 -16.88 0.81
O1 SO4 G . -17.72 -16.59 1.05
O2 SO4 G . -16.05 -18.23 1.31
O3 SO4 G . -16.06 -16.89 -0.61
O4 SO4 G . -15.47 -15.87 1.47
C1 FUC H . -10.19 12.65 -20.77
C2 FUC H . -9.32 12.16 -19.61
C3 FUC H . -8.88 13.35 -18.76
C4 FUC H . -10.08 14.13 -18.30
C5 FUC H . -10.99 14.50 -19.47
C6 FUC H . -12.30 15.17 -19.04
O1 FUC H . -9.38 13.44 -21.63
O2 FUC H . -8.15 11.46 -20.04
O3 FUC H . -8.15 12.78 -17.65
O4 FUC H . -10.79 13.32 -17.36
O5 FUC H . -11.31 13.36 -20.28
C1 MMA I . -20.97 -11.33 10.77
C2 MMA I . -19.57 -11.13 10.18
C3 MMA I . -18.65 -10.50 11.20
C4 MMA I . -19.23 -9.27 11.84
C5 MMA I . -20.56 -9.69 12.48
C6 MMA I . -21.29 -8.57 13.19
C7 MMA I . -22.11 -12.89 12.10
O1 MMA I . -20.82 -12.43 11.65
O2 MMA I . -19.63 -10.20 9.09
O3 MMA I . -17.39 -10.13 10.58
O4 MMA I . -18.29 -8.77 12.82
O5 MMA I . -21.42 -10.18 11.43
O6 MMA I . -21.70 -7.54 12.28
CA CA J . -17.55 -9.02 8.35
CA CA K . -16.03 -8.44 11.73
C1 MMA L . 18.72 -14.74 -11.29
C2 MMA L . 17.38 -14.29 -10.72
C3 MMA L . 16.60 -13.50 -11.73
C4 MMA L . 17.42 -12.38 -12.35
C5 MMA L . 18.67 -13.01 -12.97
C6 MMA L . 19.61 -12.04 -13.68
C7 MMA L . 19.58 -16.41 -12.74
O1 MMA L . 18.39 -15.76 -12.24
O2 MMA L . 17.58 -13.40 -9.62
O3 MMA L . 15.42 -12.90 -11.13
O4 MMA L . 16.58 -11.69 -13.32
O5 MMA L . 19.41 -13.66 -11.93
O6 MMA L . 20.11 -11.05 -12.76
CA CA M . 15.73 -11.88 -8.89
CA CA N . 14.37 -11.00 -12.29
S SO4 O . 24.29 -15.28 -2.49
O1 SO4 O . 22.91 -15.76 -2.57
O2 SO4 O . 24.57 -15.08 -1.11
O3 SO4 O . 25.11 -16.40 -2.97
O4 SO4 O . 24.53 -14.12 -3.31
C1 MMA P . 13.59 11.88 19.41
C2 MMA P . 12.63 11.69 18.23
C3 MMA P . 11.28 11.17 18.68
C4 MMA P . 11.46 9.95 19.56
C5 MMA P . 12.34 10.33 20.74
C6 MMA P . 12.53 9.23 21.78
C7 MMA P . 13.90 13.41 21.23
O1 MMA P . 13.06 13.01 20.11
O2 MMA P . 13.18 10.71 17.34
O3 MMA P . 10.49 10.82 17.51
O4 MMA P . 10.15 9.50 19.95
O5 MMA P . 13.62 10.73 20.25
O6 MMA P . 13.28 8.12 21.22
CA CA Q . 11.64 9.61 15.70
CA CA R . 8.65 9.22 17.91
#